data_3CMD
#
_entry.id   3CMD
#
_cell.length_a   149.470
_cell.length_b   149.470
_cell.length_c   143.329
_cell.angle_alpha   90.000
_cell.angle_beta   90.000
_cell.angle_gamma   120.000
#
_symmetry.space_group_name_H-M   'P 64 2 2'
#
loop_
_entity.id
_entity.type
_entity.pdbx_description
1 polymer 'Peptide deformylase'
2 non-polymer 'FE (III) ION'
3 non-polymer 'SODIUM ION'
4 non-polymer 'MALONATE ION'
5 water water
#
_entity_poly.entity_id   1
_entity_poly.type   'polypeptide(L)'
_entity_poly.pdbx_seq_one_letter_code
;SGLVPGRHMMITMDDIIREGNPTLREVAKEVSLPLSEEDISLGKEMLEFLKNSQDPIKAEELHLRGGVGLAAPQLDISKR
IIAVHVPSPDPEADGPSLSTVMYNPKILSHSVQDACLGEGEGCLSVDREVPGYVVRHAKITVSYYDMNGEKHKIRLKNYE
SIVVQHEIDHINGVMFYDHINDQNPFALKEGVLVIE
;
_entity_poly.pdbx_strand_id   A,B
#
# COMPACT_ATOMS: atom_id res chain seq x y z
N LEU A 3 -12.87 53.25 3.74
CA LEU A 3 -11.54 52.69 4.11
C LEU A 3 -11.42 51.22 3.75
N VAL A 4 -12.48 50.44 3.99
CA VAL A 4 -12.48 49.02 3.69
C VAL A 4 -13.15 48.70 2.36
N PRO A 5 -12.41 48.06 1.44
CA PRO A 5 -12.78 47.64 0.08
C PRO A 5 -14.14 46.97 -0.12
N GLY A 6 -14.12 45.71 -0.56
CA GLY A 6 -15.36 44.99 -0.80
C GLY A 6 -15.69 43.97 0.27
N ARG A 7 -16.50 42.99 -0.09
CA ARG A 7 -16.90 41.96 0.86
C ARG A 7 -16.97 40.57 0.24
N HIS A 8 -17.09 39.58 1.11
CA HIS A 8 -17.19 38.18 0.71
C HIS A 8 -17.75 37.38 1.88
N MET A 9 -18.05 36.11 1.63
CA MET A 9 -18.59 35.26 2.69
C MET A 9 -17.58 34.19 3.02
N MET A 10 -17.79 33.49 4.12
CA MET A 10 -16.89 32.43 4.55
C MET A 10 -17.64 31.15 4.79
N ILE A 11 -17.17 30.09 4.17
CA ILE A 11 -17.80 28.80 4.35
C ILE A 11 -17.58 28.37 5.80
N THR A 12 -18.66 28.01 6.46
CA THR A 12 -18.59 27.54 7.84
C THR A 12 -18.92 26.05 7.79
N MET A 13 -18.51 25.28 8.79
CA MET A 13 -18.80 23.86 8.76
C MET A 13 -20.27 23.53 8.56
N ASP A 14 -21.15 24.40 9.06
CA ASP A 14 -22.58 24.13 8.92
C ASP A 14 -23.02 24.16 7.45
N ASP A 15 -22.27 24.87 6.60
CA ASP A 15 -22.61 24.96 5.19
C ASP A 15 -22.38 23.64 4.46
N ILE A 16 -21.52 22.80 5.01
CA ILE A 16 -21.20 21.52 4.38
C ILE A 16 -22.23 20.44 4.74
N ILE A 17 -23.08 20.11 3.79
CA ILE A 17 -24.11 19.11 4.00
C ILE A 17 -23.52 17.72 4.27
N ARG A 18 -24.31 16.86 4.92
CA ARG A 18 -23.82 15.52 5.27
C ARG A 18 -24.43 14.34 4.52
N GLU A 19 -23.73 13.22 4.58
CA GLU A 19 -24.18 11.99 3.94
C GLU A 19 -25.66 11.78 4.23
N GLY A 20 -26.41 11.50 3.18
CA GLY A 20 -27.83 11.30 3.35
C GLY A 20 -28.58 12.43 2.65
N ASN A 21 -27.97 13.60 2.60
CA ASN A 21 -28.59 14.73 1.93
C ASN A 21 -28.64 14.35 0.47
N PRO A 22 -29.86 14.26 -0.10
CA PRO A 22 -29.99 13.89 -1.51
C PRO A 22 -29.14 14.68 -2.51
N THR A 23 -28.87 15.95 -2.21
CA THR A 23 -28.08 16.75 -3.13
C THR A 23 -26.75 16.08 -3.48
N LEU A 24 -26.16 15.37 -2.52
CA LEU A 24 -24.89 14.68 -2.75
C LEU A 24 -24.98 13.56 -3.79
N ARG A 25 -26.20 13.23 -4.20
CA ARG A 25 -26.36 12.15 -5.17
C ARG A 25 -26.77 12.60 -6.57
N GLU A 26 -27.03 13.89 -6.74
CA GLU A 26 -27.43 14.38 -8.05
C GLU A 26 -26.21 14.57 -8.94
N VAL A 27 -26.44 14.69 -10.24
CA VAL A 27 -25.32 14.94 -11.14
C VAL A 27 -25.37 16.45 -11.26
N ALA A 28 -24.33 17.12 -10.78
CA ALA A 28 -24.27 18.58 -10.80
C ALA A 28 -24.38 19.14 -12.23
N LYS A 29 -24.95 20.33 -12.33
CA LYS A 29 -25.14 20.99 -13.61
C LYS A 29 -23.86 21.66 -14.11
N GLU A 30 -23.74 21.72 -15.44
CA GLU A 30 -22.60 22.32 -16.11
C GLU A 30 -22.67 23.83 -15.90
N VAL A 31 -21.53 24.49 -15.63
CA VAL A 31 -21.56 25.93 -15.45
C VAL A 31 -21.43 26.62 -16.79
N SER A 32 -22.09 27.75 -16.92
CA SER A 32 -22.09 28.51 -18.15
C SER A 32 -20.90 29.45 -18.24
N LEU A 33 -20.40 29.65 -19.45
CA LEU A 33 -19.28 30.55 -19.69
C LEU A 33 -19.77 31.67 -20.58
N PRO A 34 -19.25 32.89 -20.40
CA PRO A 34 -18.25 33.23 -19.39
C PRO A 34 -18.78 33.12 -17.95
N LEU A 35 -17.92 32.77 -17.01
CA LEU A 35 -18.30 32.63 -15.62
C LEU A 35 -18.99 33.86 -15.03
N SER A 36 -20.07 33.62 -14.28
CA SER A 36 -20.75 34.69 -13.56
C SER A 36 -19.95 35.12 -12.33
N GLU A 37 -20.15 36.35 -11.89
CA GLU A 37 -19.51 36.87 -10.69
C GLU A 37 -19.93 36.07 -9.46
N GLU A 38 -21.02 35.32 -9.60
CA GLU A 38 -21.50 34.46 -8.51
C GLU A 38 -20.71 33.16 -8.45
N ASP A 39 -20.52 32.54 -9.61
CA ASP A 39 -19.71 31.33 -9.71
C ASP A 39 -18.23 31.57 -9.39
N ILE A 40 -17.75 32.77 -9.70
CA ILE A 40 -16.37 33.13 -9.43
C ILE A 40 -16.19 33.29 -7.92
N SER A 41 -17.19 33.91 -7.28
CA SER A 41 -17.15 34.13 -5.84
C SER A 41 -17.17 32.80 -5.11
N LEU A 42 -18.11 31.94 -5.47
CA LEU A 42 -18.22 30.63 -4.84
C LEU A 42 -16.86 29.93 -4.93
N GLY A 43 -16.27 29.95 -6.11
CA GLY A 43 -14.98 29.35 -6.28
C GLY A 43 -14.01 29.87 -5.25
N LYS A 44 -13.94 31.20 -5.12
CA LYS A 44 -13.03 31.82 -4.18
C LYS A 44 -13.32 31.44 -2.73
N GLU A 45 -14.60 31.35 -2.42
CA GLU A 45 -15.06 30.99 -1.08
C GLU A 45 -14.60 29.55 -0.78
N MET A 46 -14.64 28.71 -1.82
CA MET A 46 -14.23 27.32 -1.67
C MET A 46 -12.73 27.15 -1.40
N LEU A 47 -11.92 27.91 -2.13
CA LEU A 47 -10.48 27.84 -1.94
C LEU A 47 -10.07 28.46 -0.60
N GLU A 48 -10.67 29.59 -0.23
CA GLU A 48 -10.34 30.23 1.04
C GLU A 48 -10.58 29.21 2.16
N PHE A 49 -11.66 28.45 2.04
CA PHE A 49 -11.99 27.43 3.04
C PHE A 49 -10.86 26.42 3.20
N LEU A 50 -10.54 25.72 2.12
CA LEU A 50 -9.50 24.71 2.16
C LEU A 50 -8.23 25.26 2.81
N LYS A 51 -7.79 26.42 2.36
CA LYS A 51 -6.60 27.03 2.94
C LYS A 51 -6.84 27.32 4.42
N ASN A 52 -8.01 27.87 4.73
CA ASN A 52 -8.32 28.17 6.11
C ASN A 52 -8.30 26.94 6.99
N SER A 53 -8.90 25.86 6.51
CA SER A 53 -8.98 24.62 7.26
C SER A 53 -7.62 23.98 7.48
N GLN A 54 -6.61 24.40 6.71
CA GLN A 54 -5.28 23.82 6.82
C GLN A 54 -4.32 24.60 7.72
N ASP A 55 -4.71 25.80 8.12
CA ASP A 55 -3.86 26.62 9.00
C ASP A 55 -4.32 26.38 10.43
N PRO A 56 -3.42 25.86 11.29
CA PRO A 56 -3.78 25.59 12.69
C PRO A 56 -4.58 26.70 13.37
N ILE A 57 -4.03 27.91 13.36
CA ILE A 57 -4.68 29.03 14.00
C ILE A 57 -6.06 29.32 13.42
N LYS A 58 -6.16 29.44 12.10
CA LYS A 58 -7.45 29.74 11.51
C LYS A 58 -8.45 28.61 11.71
N ALA A 59 -8.03 27.40 11.39
CA ALA A 59 -8.89 26.24 11.52
C ALA A 59 -9.44 26.17 12.94
N GLU A 60 -8.58 26.43 13.91
CA GLU A 60 -8.99 26.39 15.31
C GLU A 60 -9.93 27.53 15.68
N GLU A 61 -9.57 28.76 15.32
CA GLU A 61 -10.40 29.91 15.64
C GLU A 61 -11.73 29.87 14.90
N LEU A 62 -11.72 29.28 13.71
CA LEU A 62 -12.94 29.18 12.89
C LEU A 62 -13.61 27.81 13.00
N HIS A 63 -13.12 26.97 13.92
CA HIS A 63 -13.67 25.63 14.12
C HIS A 63 -13.93 24.91 12.81
N LEU A 64 -12.87 24.65 12.07
CA LEU A 64 -12.95 23.96 10.78
C LEU A 64 -12.23 22.62 10.81
N ARG A 65 -12.69 21.70 9.99
CA ARG A 65 -12.08 20.37 9.87
C ARG A 65 -11.24 20.46 8.61
N GLY A 66 -9.95 20.17 8.72
CA GLY A 66 -9.09 20.26 7.56
C GLY A 66 -9.51 19.39 6.39
N GLY A 67 -9.30 19.91 5.19
CA GLY A 67 -9.62 19.18 3.97
C GLY A 67 -8.71 19.68 2.86
N VAL A 68 -8.56 18.91 1.79
CA VAL A 68 -7.71 19.35 0.69
C VAL A 68 -8.52 19.53 -0.59
N GLY A 69 -9.73 18.98 -0.59
CA GLY A 69 -10.57 19.10 -1.77
C GLY A 69 -12.00 19.39 -1.36
N LEU A 70 -12.74 20.06 -2.24
CA LEU A 70 -14.13 20.38 -1.96
C LEU A 70 -14.91 20.52 -3.25
N ALA A 71 -16.17 20.13 -3.20
CA ALA A 71 -17.05 20.20 -4.36
C ALA A 71 -18.29 21.01 -4.03
N ALA A 72 -18.74 21.82 -4.99
CA ALA A 72 -19.93 22.65 -4.80
C ALA A 72 -21.13 21.89 -4.20
N PRO A 73 -21.40 20.67 -4.70
CA PRO A 73 -22.53 19.90 -4.16
C PRO A 73 -22.49 19.76 -2.63
N GLN A 74 -21.28 19.67 -2.07
CA GLN A 74 -21.13 19.53 -0.64
C GLN A 74 -21.65 20.77 0.11
N LEU A 75 -21.76 21.88 -0.60
CA LEU A 75 -22.27 23.13 -0.02
C LEU A 75 -23.72 23.21 -0.45
N ASP A 76 -24.22 22.12 -1.02
CA ASP A 76 -25.59 22.03 -1.47
C ASP A 76 -25.85 22.85 -2.73
N ILE A 77 -24.80 23.08 -3.52
CA ILE A 77 -24.91 23.83 -4.77
C ILE A 77 -24.56 22.85 -5.88
N SER A 78 -25.59 22.39 -6.59
CA SER A 78 -25.40 21.40 -7.65
C SER A 78 -24.83 21.96 -8.94
N LYS A 79 -23.56 22.37 -8.88
CA LYS A 79 -22.87 22.91 -10.04
C LYS A 79 -21.54 22.19 -10.15
N ARG A 80 -21.10 21.95 -11.38
CA ARG A 80 -19.83 21.25 -11.57
C ARG A 80 -18.65 22.19 -11.32
N ILE A 81 -18.37 22.40 -10.04
CA ILE A 81 -17.28 23.25 -9.60
C ILE A 81 -16.58 22.58 -8.43
N ILE A 82 -15.26 22.44 -8.51
CA ILE A 82 -14.49 21.85 -7.41
C ILE A 82 -13.28 22.70 -7.11
N ALA A 83 -12.69 22.49 -5.94
CA ALA A 83 -11.50 23.23 -5.54
C ALA A 83 -10.57 22.29 -4.80
N VAL A 84 -9.27 22.45 -5.02
CA VAL A 84 -8.28 21.61 -4.35
C VAL A 84 -7.11 22.46 -3.90
N HIS A 85 -6.62 22.15 -2.71
CA HIS A 85 -5.48 22.85 -2.18
C HIS A 85 -4.59 21.84 -1.47
N VAL A 86 -3.61 21.33 -2.19
CA VAL A 86 -2.70 20.33 -1.66
C VAL A 86 -1.40 20.97 -1.22
N PRO A 87 -1.11 20.98 0.09
CA PRO A 87 0.13 21.59 0.59
C PRO A 87 1.32 21.14 -0.26
N SER A 88 2.30 22.04 -0.43
CA SER A 88 3.49 21.77 -1.22
C SER A 88 3.88 20.29 -1.24
N SER A 97 1.86 23.24 -4.58
CA SER A 97 1.91 22.15 -5.56
C SER A 97 0.68 22.13 -6.46
N LEU A 98 -0.51 22.27 -5.87
CA LEU A 98 -1.76 22.31 -6.62
C LEU A 98 -2.79 23.05 -5.78
N SER A 99 -3.19 24.22 -6.27
CA SER A 99 -4.15 25.06 -5.56
C SER A 99 -4.95 25.87 -6.56
N THR A 100 -6.12 25.36 -6.93
CA THR A 100 -6.94 26.06 -7.88
C THR A 100 -8.40 25.64 -7.78
N VAL A 101 -9.25 26.33 -8.51
CA VAL A 101 -10.67 26.01 -8.55
C VAL A 101 -10.86 25.52 -9.97
N MET A 102 -11.65 24.46 -10.15
CA MET A 102 -11.86 23.93 -11.47
C MET A 102 -13.33 24.00 -11.85
N TYR A 103 -13.61 24.57 -13.01
CA TYR A 103 -14.99 24.68 -13.48
C TYR A 103 -15.16 23.68 -14.61
N ASN A 104 -16.24 22.92 -14.55
CA ASN A 104 -16.54 21.89 -15.54
C ASN A 104 -15.34 20.98 -15.77
N PRO A 105 -14.74 20.46 -14.68
CA PRO A 105 -13.58 19.58 -14.81
C PRO A 105 -13.97 18.25 -15.44
N LYS A 106 -13.07 17.68 -16.23
CA LYS A 106 -13.31 16.41 -16.89
C LYS A 106 -12.02 15.65 -17.11
N ILE A 107 -12.00 14.37 -16.73
CA ILE A 107 -10.80 13.57 -16.92
C ILE A 107 -10.76 13.11 -18.37
N LEU A 108 -9.63 13.38 -19.03
CA LEU A 108 -9.43 13.03 -20.43
C LEU A 108 -8.72 11.71 -20.66
N SER A 109 -8.00 11.24 -19.65
CA SER A 109 -7.27 9.98 -19.81
C SER A 109 -6.66 9.57 -18.49
N HIS A 110 -6.31 8.29 -18.37
CA HIS A 110 -5.71 7.81 -17.13
C HIS A 110 -4.73 6.68 -17.39
N SER A 111 -3.84 6.48 -16.41
CA SER A 111 -2.84 5.41 -16.48
C SER A 111 -3.51 4.07 -16.23
N VAL A 112 -2.79 2.99 -16.54
CA VAL A 112 -3.34 1.66 -16.29
C VAL A 112 -3.07 1.40 -14.82
N GLN A 113 -1.89 1.83 -14.38
CA GLN A 113 -1.45 1.70 -12.99
C GLN A 113 -2.51 2.28 -12.06
N ASP A 114 -2.85 1.55 -11.00
CA ASP A 114 -3.84 2.02 -10.02
C ASP A 114 -3.16 2.43 -8.71
N ALA A 115 -3.90 3.10 -7.84
CA ALA A 115 -3.36 3.52 -6.55
C ALA A 115 -4.47 3.75 -5.55
N CYS A 116 -4.10 4.03 -4.30
CA CYS A 116 -5.08 4.27 -3.26
C CYS A 116 -4.40 4.84 -2.03
N LEU A 117 -5.17 5.47 -1.16
CA LEU A 117 -4.61 6.04 0.06
C LEU A 117 -4.65 4.95 1.11
N GLY A 118 -3.48 4.57 1.62
CA GLY A 118 -3.42 3.52 2.62
C GLY A 118 -4.23 3.79 3.88
N GLU A 119 -4.36 5.06 4.23
CA GLU A 119 -5.11 5.46 5.42
C GLU A 119 -6.58 5.65 5.11
N GLY A 120 -6.93 5.54 3.83
CA GLY A 120 -8.31 5.72 3.42
C GLY A 120 -8.66 7.17 3.14
N GLU A 121 -9.51 7.40 2.15
CA GLU A 121 -9.90 8.76 1.79
C GLU A 121 -10.82 9.41 2.82
N GLY A 122 -10.73 10.74 2.94
CA GLY A 122 -11.56 11.47 3.87
C GLY A 122 -12.62 12.23 3.11
N CYS A 123 -13.64 12.68 3.82
CA CYS A 123 -14.71 13.41 3.17
C CYS A 123 -15.48 14.27 4.19
N LEU A 124 -15.34 15.58 4.10
CA LEU A 124 -16.02 16.50 5.01
C LEU A 124 -17.51 16.21 5.13
N SER A 125 -18.08 15.54 4.13
CA SER A 125 -19.51 15.25 4.15
C SER A 125 -19.93 14.01 4.93
N VAL A 126 -18.97 13.13 5.23
CA VAL A 126 -19.28 11.92 5.97
C VAL A 126 -18.64 11.98 7.36
N ASP A 127 -19.37 11.50 8.36
CA ASP A 127 -18.89 11.52 9.74
C ASP A 127 -18.53 10.13 10.25
N ARG A 128 -19.17 9.10 9.71
CA ARG A 128 -18.89 7.73 10.09
C ARG A 128 -17.51 7.35 9.54
N GLU A 129 -16.85 6.38 10.17
CA GLU A 129 -15.54 5.92 9.70
C GLU A 129 -15.83 4.73 8.80
N VAL A 130 -15.30 4.75 7.57
CA VAL A 130 -15.54 3.67 6.62
C VAL A 130 -14.28 2.87 6.25
N PRO A 131 -14.17 1.64 6.76
CA PRO A 131 -13.01 0.78 6.49
C PRO A 131 -12.85 0.45 5.00
N GLY A 132 -11.61 0.25 4.58
CA GLY A 132 -11.35 -0.12 3.19
C GLY A 132 -10.37 0.74 2.42
N TYR A 133 -10.16 0.35 1.16
CA TYR A 133 -9.29 1.05 0.24
C TYR A 133 -10.15 1.46 -0.95
N VAL A 134 -9.87 2.62 -1.54
CA VAL A 134 -10.61 3.05 -2.70
C VAL A 134 -9.59 3.07 -3.84
N VAL A 135 -9.75 2.15 -4.78
CA VAL A 135 -8.84 2.05 -5.91
C VAL A 135 -9.07 3.16 -6.91
N ARG A 136 -8.01 3.92 -7.22
CA ARG A 136 -8.08 5.03 -8.17
C ARG A 136 -7.03 4.88 -9.25
N HIS A 137 -7.10 5.76 -10.25
CA HIS A 137 -6.12 5.76 -11.32
C HIS A 137 -4.90 6.48 -10.76
N ALA A 138 -3.75 5.85 -10.85
CA ALA A 138 -2.54 6.47 -10.33
C ALA A 138 -2.38 7.82 -11.01
N LYS A 139 -2.53 7.83 -12.33
CA LYS A 139 -2.37 9.06 -13.09
C LYS A 139 -3.58 9.46 -13.95
N ILE A 140 -3.79 10.77 -14.09
CA ILE A 140 -4.88 11.31 -14.88
C ILE A 140 -4.49 12.61 -15.57
N THR A 141 -5.31 13.03 -16.52
CA THR A 141 -5.11 14.28 -17.23
C THR A 141 -6.47 14.96 -17.12
N VAL A 142 -6.49 16.12 -16.46
CA VAL A 142 -7.74 16.86 -16.26
C VAL A 142 -7.85 18.11 -17.12
N SER A 143 -9.07 18.39 -17.57
CA SER A 143 -9.31 19.57 -18.39
C SER A 143 -10.36 20.42 -17.66
N TYR A 144 -10.21 21.74 -17.64
CA TYR A 144 -11.17 22.59 -16.95
C TYR A 144 -10.96 24.07 -17.23
N TYR A 145 -11.73 24.91 -16.55
CA TYR A 145 -11.61 26.35 -16.69
C TYR A 145 -11.33 26.97 -15.34
N ASP A 146 -10.43 27.95 -15.31
CA ASP A 146 -10.11 28.63 -14.07
C ASP A 146 -11.06 29.82 -13.92
N MET A 147 -10.84 30.63 -12.90
CA MET A 147 -11.68 31.79 -12.66
C MET A 147 -11.53 32.89 -13.71
N ASN A 148 -10.42 32.85 -14.45
CA ASN A 148 -10.18 33.81 -15.52
C ASN A 148 -11.02 33.50 -16.75
N GLY A 149 -11.41 32.24 -16.89
CA GLY A 149 -11.97 31.76 -18.13
C GLY A 149 -10.97 30.97 -18.95
N GLU A 150 -9.73 30.90 -18.47
CA GLU A 150 -8.70 30.15 -19.18
C GLU A 150 -8.97 28.65 -19.06
N LYS A 151 -8.74 27.93 -20.15
CA LYS A 151 -8.93 26.49 -20.18
C LYS A 151 -7.59 25.82 -19.96
N HIS A 152 -7.57 24.77 -19.13
CA HIS A 152 -6.35 24.05 -18.81
C HIS A 152 -6.43 22.54 -19.02
N LYS A 153 -5.25 21.95 -19.24
CA LYS A 153 -5.12 20.51 -19.40
C LYS A 153 -3.85 20.16 -18.62
N ILE A 154 -4.00 19.40 -17.54
CA ILE A 154 -2.86 19.03 -16.70
C ILE A 154 -2.82 17.56 -16.30
N ARG A 155 -1.61 17.02 -16.22
CA ARG A 155 -1.42 15.62 -15.82
C ARG A 155 -1.16 15.60 -14.32
N LEU A 156 -1.87 14.74 -13.60
CA LEU A 156 -1.71 14.63 -12.17
C LEU A 156 -1.43 13.20 -11.77
N LYS A 157 -0.72 13.01 -10.67
CA LYS A 157 -0.42 11.66 -10.22
C LYS A 157 -0.53 11.51 -8.72
N ASN A 158 -0.59 10.26 -8.30
CA ASN A 158 -0.64 9.90 -6.90
C ASN A 158 -1.68 10.68 -6.10
N TYR A 159 -1.26 11.29 -4.99
CA TYR A 159 -2.21 12.00 -4.16
C TYR A 159 -3.10 13.02 -4.88
N GLU A 160 -2.48 13.93 -5.59
CA GLU A 160 -3.24 14.94 -6.30
C GLU A 160 -4.24 14.29 -7.25
N SER A 161 -3.83 13.19 -7.89
CA SER A 161 -4.72 12.50 -8.81
C SER A 161 -5.90 11.93 -8.03
N ILE A 162 -5.62 11.42 -6.84
CA ILE A 162 -6.67 10.86 -6.03
C ILE A 162 -7.64 11.94 -5.55
N VAL A 163 -7.11 13.05 -5.05
CA VAL A 163 -7.97 14.12 -4.59
C VAL A 163 -8.91 14.59 -5.72
N VAL A 164 -8.36 14.87 -6.90
CA VAL A 164 -9.20 15.33 -7.99
C VAL A 164 -10.25 14.29 -8.39
N GLN A 165 -9.85 13.03 -8.48
CA GLN A 165 -10.79 11.97 -8.84
C GLN A 165 -11.89 11.92 -7.79
N HIS A 166 -11.50 12.13 -6.54
CA HIS A 166 -12.45 12.10 -5.45
C HIS A 166 -13.47 13.24 -5.58
N GLU A 167 -13.00 14.41 -5.98
CA GLU A 167 -13.89 15.56 -6.13
C GLU A 167 -14.81 15.46 -7.34
N ILE A 168 -14.29 15.02 -8.48
CA ILE A 168 -15.12 14.90 -9.65
C ILE A 168 -16.22 13.89 -9.38
N ASP A 169 -15.94 12.87 -8.57
CA ASP A 169 -16.96 11.89 -8.22
C ASP A 169 -18.14 12.66 -7.61
N HIS A 170 -17.83 13.65 -6.78
CA HIS A 170 -18.86 14.47 -6.14
C HIS A 170 -19.79 15.18 -7.12
N ILE A 171 -19.27 15.72 -8.22
CA ILE A 171 -20.15 16.41 -9.15
C ILE A 171 -20.92 15.41 -10.02
N ASN A 172 -20.71 14.13 -9.77
CA ASN A 172 -21.41 13.08 -10.50
C ASN A 172 -22.28 12.25 -9.55
N GLY A 173 -22.46 12.75 -8.34
CA GLY A 173 -23.29 12.06 -7.36
C GLY A 173 -22.69 10.79 -6.80
N VAL A 174 -21.36 10.71 -6.84
CA VAL A 174 -20.65 9.53 -6.35
C VAL A 174 -19.84 9.81 -5.08
N MET A 175 -20.05 8.95 -4.08
CA MET A 175 -19.37 9.05 -2.80
C MET A 175 -18.20 8.06 -2.77
N PHE A 176 -17.17 8.37 -2.00
CA PHE A 176 -16.02 7.49 -1.99
C PHE A 176 -16.31 6.06 -1.56
N TYR A 177 -17.17 5.88 -0.57
CA TYR A 177 -17.44 4.51 -0.12
C TYR A 177 -18.18 3.64 -1.13
N ASP A 178 -18.59 4.24 -2.25
CA ASP A 178 -19.26 3.45 -3.29
C ASP A 178 -18.24 2.58 -4.01
N HIS A 179 -16.95 2.91 -3.84
CA HIS A 179 -15.88 2.15 -4.47
C HIS A 179 -15.37 1.03 -3.56
N ILE A 180 -15.86 1.00 -2.33
CA ILE A 180 -15.43 0.00 -1.38
C ILE A 180 -16.37 -1.18 -1.31
N ASN A 181 -15.84 -2.36 -1.63
CA ASN A 181 -16.60 -3.61 -1.58
C ASN A 181 -16.91 -3.81 -0.11
N ASP A 182 -18.17 -3.61 0.25
CA ASP A 182 -18.57 -3.72 1.64
C ASP A 182 -18.11 -4.99 2.37
N GLN A 183 -17.98 -6.10 1.65
CA GLN A 183 -17.56 -7.34 2.29
C GLN A 183 -16.10 -7.72 2.12
N ASN A 184 -15.40 -7.02 1.23
CA ASN A 184 -13.99 -7.26 1.01
C ASN A 184 -13.38 -5.86 0.82
N PRO A 185 -13.44 -5.03 1.87
CA PRO A 185 -12.96 -3.65 1.94
C PRO A 185 -11.53 -3.37 1.53
N PHE A 186 -10.62 -4.29 1.83
CA PHE A 186 -9.21 -4.07 1.52
C PHE A 186 -8.65 -4.89 0.38
N ALA A 187 -9.52 -5.33 -0.51
CA ALA A 187 -9.08 -6.11 -1.65
C ALA A 187 -8.28 -5.24 -2.62
N LEU A 188 -7.15 -5.76 -3.09
CA LEU A 188 -6.33 -5.02 -4.03
C LEU A 188 -5.65 -5.94 -5.02
N LYS A 189 -5.51 -5.48 -6.26
CA LYS A 189 -4.85 -6.26 -7.29
C LYS A 189 -3.35 -6.15 -7.01
N GLU A 190 -2.55 -6.77 -7.85
CA GLU A 190 -1.10 -6.74 -7.68
C GLU A 190 -0.57 -5.37 -8.03
N GLY A 191 0.59 -5.05 -7.47
CA GLY A 191 1.26 -3.79 -7.75
C GLY A 191 0.42 -2.52 -7.76
N VAL A 192 -0.49 -2.41 -6.79
CA VAL A 192 -1.29 -1.22 -6.68
C VAL A 192 -0.49 -0.29 -5.77
N LEU A 193 -0.26 0.94 -6.20
CA LEU A 193 0.52 1.88 -5.41
C LEU A 193 -0.29 2.41 -4.23
N VAL A 194 0.10 2.02 -3.01
CA VAL A 194 -0.60 2.46 -1.83
C VAL A 194 0.19 3.62 -1.22
N ILE A 195 -0.42 4.80 -1.25
CA ILE A 195 0.18 6.03 -0.77
C ILE A 195 -0.14 6.36 0.69
N GLU A 196 0.89 6.70 1.46
CA GLU A 196 0.70 7.03 2.87
C GLU A 196 1.98 7.48 3.55
N SER B 1 -3.19 19.74 5.70
CA SER B 1 -3.88 18.52 6.24
C SER B 1 -2.95 17.31 6.17
N GLY B 2 -3.53 16.12 6.28
CA GLY B 2 -2.74 14.90 6.22
C GLY B 2 -2.21 14.64 4.84
N LEU B 3 -1.15 15.34 4.46
CA LEU B 3 -0.56 15.18 3.14
C LEU B 3 0.24 13.88 3.11
N VAL B 4 -0.21 12.94 2.30
CA VAL B 4 0.47 11.65 2.19
C VAL B 4 1.88 11.81 1.62
N PRO B 5 2.91 11.44 2.40
CA PRO B 5 4.32 11.53 2.01
C PRO B 5 4.82 10.48 1.03
N GLY B 6 5.13 9.29 1.54
CA GLY B 6 5.63 8.23 0.70
C GLY B 6 4.61 7.31 0.05
N ARG B 7 5.14 6.29 -0.62
CA ARG B 7 4.31 5.31 -1.30
C ARG B 7 5.05 3.97 -1.39
N HIS B 8 4.29 2.88 -1.47
CA HIS B 8 4.89 1.55 -1.57
C HIS B 8 3.86 0.55 -2.07
N MET B 9 4.30 -0.69 -2.29
CA MET B 9 3.37 -1.72 -2.74
C MET B 9 3.18 -2.78 -1.69
N MET B 10 2.22 -3.66 -1.93
CA MET B 10 1.95 -4.75 -1.00
C MET B 10 1.91 -6.06 -1.73
N ILE B 11 2.49 -7.07 -1.12
CA ILE B 11 2.51 -8.39 -1.72
C ILE B 11 1.14 -9.02 -1.47
N THR B 12 0.58 -9.63 -2.50
CA THR B 12 -0.69 -10.32 -2.37
C THR B 12 -0.30 -11.76 -2.65
N MET B 13 -1.16 -12.70 -2.29
CA MET B 13 -0.85 -14.10 -2.52
C MET B 13 -0.56 -14.44 -3.98
N ASP B 14 -1.17 -13.69 -4.89
CA ASP B 14 -0.98 -13.90 -6.32
C ASP B 14 0.42 -13.55 -6.79
N ASP B 15 1.12 -12.72 -6.04
CA ASP B 15 2.47 -12.34 -6.43
C ASP B 15 3.43 -13.50 -6.16
N ILE B 16 3.01 -14.41 -5.31
CA ILE B 16 3.84 -15.54 -4.94
C ILE B 16 3.72 -16.68 -5.96
N ILE B 17 4.77 -16.88 -6.74
CA ILE B 17 4.77 -17.93 -7.75
C ILE B 17 4.67 -19.31 -7.08
N ARG B 18 4.16 -20.29 -7.82
CA ARG B 18 4.00 -21.61 -7.25
C ARG B 18 4.90 -22.70 -7.81
N GLU B 19 5.00 -23.80 -7.07
CA GLU B 19 5.82 -24.93 -7.47
C GLU B 19 5.60 -25.24 -8.94
N GLY B 20 6.69 -25.44 -9.67
CA GLY B 20 6.57 -25.71 -11.09
C GLY B 20 7.19 -24.56 -11.86
N ASN B 21 7.03 -23.35 -11.33
CA ASN B 21 7.60 -22.17 -11.96
C ASN B 21 9.13 -22.29 -11.95
N PRO B 22 9.76 -22.21 -13.11
CA PRO B 22 11.22 -22.31 -13.26
C PRO B 22 12.07 -21.41 -12.37
N THR B 23 11.61 -20.19 -12.14
CA THR B 23 12.36 -19.25 -11.32
C THR B 23 12.75 -19.89 -9.98
N LEU B 24 11.86 -20.71 -9.43
CA LEU B 24 12.11 -21.38 -8.17
C LEU B 24 13.28 -22.34 -8.21
N ARG B 25 13.70 -22.74 -9.42
CA ARG B 25 14.80 -23.67 -9.52
C ARG B 25 16.11 -23.05 -9.98
N GLU B 26 16.12 -21.74 -10.15
CA GLU B 26 17.35 -21.05 -10.58
C GLU B 26 18.19 -20.71 -9.36
N VAL B 27 19.39 -20.20 -9.61
CA VAL B 27 20.27 -19.77 -8.53
C VAL B 27 20.19 -18.25 -8.55
N ALA B 28 19.50 -17.68 -7.57
CA ALA B 28 19.34 -16.23 -7.49
C ALA B 28 20.65 -15.49 -7.60
N LYS B 29 20.61 -14.35 -8.29
CA LYS B 29 21.81 -13.53 -8.49
C LYS B 29 22.12 -12.66 -7.28
N GLU B 30 23.41 -12.52 -7.02
CA GLU B 30 23.90 -11.71 -5.92
C GLU B 30 23.40 -10.28 -6.17
N VAL B 31 23.20 -9.49 -5.13
CA VAL B 31 22.78 -8.10 -5.34
C VAL B 31 23.98 -7.21 -5.01
N SER B 32 24.17 -6.17 -5.81
CA SER B 32 25.29 -5.26 -5.60
C SER B 32 25.06 -4.23 -4.51
N LEU B 33 26.16 -3.62 -4.08
CA LEU B 33 26.11 -2.60 -3.06
C LEU B 33 26.83 -1.34 -3.57
N PRO B 34 26.39 -0.16 -3.11
CA PRO B 34 25.30 0.01 -2.15
C PRO B 34 23.97 -0.44 -2.75
N LEU B 35 23.06 -0.86 -1.89
CA LEU B 35 21.74 -1.33 -2.34
C LEU B 35 20.96 -0.26 -3.11
N SER B 36 20.30 -0.69 -4.18
CA SER B 36 19.45 0.20 -4.96
C SER B 36 18.14 0.50 -4.25
N GLU B 37 17.36 1.41 -4.81
CA GLU B 37 16.10 1.84 -4.20
C GLU B 37 14.97 0.87 -4.53
N GLU B 38 15.10 0.19 -5.67
CA GLU B 38 14.40 -1.08 -5.88
C GLU B 38 14.67 -2.06 -4.74
N ASP B 39 15.90 -2.54 -4.66
CA ASP B 39 16.23 -3.66 -3.78
C ASP B 39 15.86 -3.42 -2.32
N ILE B 40 15.86 -2.15 -1.91
CA ILE B 40 15.52 -1.81 -0.54
C ILE B 40 14.01 -1.83 -0.35
N SER B 41 13.28 -1.42 -1.39
CA SER B 41 11.81 -1.39 -1.31
C SER B 41 11.26 -2.80 -1.30
N LEU B 42 11.88 -3.64 -2.11
CA LEU B 42 11.47 -5.03 -2.21
C LEU B 42 11.62 -5.67 -0.83
N GLY B 43 12.78 -5.41 -0.21
CA GLY B 43 13.06 -5.96 1.09
C GLY B 43 12.02 -5.61 2.14
N LYS B 44 11.74 -4.33 2.30
CA LYS B 44 10.76 -3.96 3.31
C LYS B 44 9.37 -4.43 2.90
N GLU B 45 9.16 -4.63 1.60
CA GLU B 45 7.86 -5.10 1.13
C GLU B 45 7.71 -6.55 1.55
N MET B 46 8.81 -7.29 1.47
CA MET B 46 8.82 -8.71 1.85
C MET B 46 8.61 -8.90 3.34
N LEU B 47 9.29 -8.07 4.12
CA LEU B 47 9.21 -8.16 5.57
C LEU B 47 7.84 -7.69 6.02
N GLU B 48 7.28 -6.74 5.29
CA GLU B 48 5.98 -6.20 5.61
C GLU B 48 4.93 -7.29 5.45
N PHE B 49 5.06 -8.05 4.37
CA PHE B 49 4.13 -9.15 4.07
C PHE B 49 4.12 -10.17 5.20
N LEU B 50 5.31 -10.63 5.59
CA LEU B 50 5.40 -11.62 6.66
C LEU B 50 4.66 -11.13 7.90
N LYS B 51 4.91 -9.89 8.31
CA LYS B 51 4.24 -9.35 9.48
C LYS B 51 2.74 -9.37 9.25
N ASN B 52 2.31 -8.84 8.11
CA ASN B 52 0.89 -8.84 7.80
C ASN B 52 0.29 -10.25 7.85
N SER B 53 0.94 -11.21 7.21
CA SER B 53 0.41 -12.57 7.19
C SER B 53 0.20 -13.14 8.58
N GLN B 54 0.96 -12.65 9.54
CA GLN B 54 0.86 -13.16 10.90
C GLN B 54 -0.15 -12.45 11.79
N ASP B 55 -0.66 -11.30 11.37
CA ASP B 55 -1.63 -10.59 12.19
C ASP B 55 -3.04 -11.01 11.80
N PRO B 56 -3.78 -11.58 12.76
CA PRO B 56 -5.16 -12.03 12.49
C PRO B 56 -5.99 -11.06 11.68
N ILE B 57 -6.21 -9.86 12.20
CA ILE B 57 -7.00 -8.89 11.46
C ILE B 57 -6.44 -8.62 10.06
N LYS B 58 -5.19 -8.23 9.98
CA LYS B 58 -4.59 -7.94 8.68
C LYS B 58 -4.57 -9.13 7.75
N ALA B 59 -4.12 -10.26 8.27
CA ALA B 59 -4.06 -11.49 7.48
C ALA B 59 -5.43 -11.79 6.93
N GLU B 60 -6.46 -11.62 7.76
CA GLU B 60 -7.83 -11.88 7.35
C GLU B 60 -8.33 -10.87 6.33
N GLU B 61 -8.22 -9.58 6.65
CA GLU B 61 -8.69 -8.54 5.76
C GLU B 61 -7.96 -8.52 4.42
N LEU B 62 -6.72 -9.01 4.42
CA LEU B 62 -5.94 -9.02 3.19
C LEU B 62 -5.90 -10.38 2.52
N HIS B 63 -6.55 -11.38 3.13
CA HIS B 63 -6.57 -12.73 2.57
C HIS B 63 -5.16 -13.23 2.31
N LEU B 64 -4.41 -13.47 3.37
CA LEU B 64 -3.04 -13.95 3.25
C LEU B 64 -2.78 -15.24 4.03
N ARG B 65 -1.83 -16.05 3.56
CA ARG B 65 -1.44 -17.28 4.24
C ARG B 65 -0.27 -16.89 5.14
N GLY B 66 -0.28 -17.34 6.39
CA GLY B 66 0.80 -16.99 7.29
C GLY B 66 2.14 -17.55 6.85
N GLY B 67 3.21 -16.79 7.09
CA GLY B 67 4.56 -17.22 6.75
C GLY B 67 5.56 -16.52 7.65
N VAL B 68 6.73 -17.13 7.87
CA VAL B 68 7.75 -16.51 8.71
C VAL B 68 9.00 -16.19 7.92
N GLY B 69 9.09 -16.78 6.72
CA GLY B 69 10.23 -16.54 5.87
C GLY B 69 9.74 -16.37 4.44
N LEU B 70 10.51 -15.66 3.63
CA LEU B 70 10.16 -15.44 2.24
C LEU B 70 11.43 -15.09 1.50
N ALA B 71 11.54 -15.53 0.24
CA ALA B 71 12.72 -15.26 -0.56
C ALA B 71 12.32 -14.63 -1.89
N ALA B 72 13.10 -13.65 -2.33
CA ALA B 72 12.83 -12.94 -3.58
C ALA B 72 12.40 -13.86 -4.73
N PRO B 73 13.04 -15.03 -4.86
CA PRO B 73 12.66 -15.94 -5.95
C PRO B 73 11.18 -16.29 -5.95
N GLN B 74 10.56 -16.37 -4.77
CA GLN B 74 9.14 -16.68 -4.69
C GLN B 74 8.27 -15.58 -5.27
N LEU B 75 8.85 -14.38 -5.39
CA LEU B 75 8.14 -13.23 -5.96
C LEU B 75 8.57 -13.08 -7.40
N ASP B 76 9.16 -14.14 -7.92
CA ASP B 76 9.64 -14.21 -9.30
C ASP B 76 10.83 -13.29 -9.58
N ILE B 77 11.48 -12.83 -8.53
CA ILE B 77 12.64 -11.97 -8.67
C ILE B 77 13.83 -12.83 -8.28
N SER B 78 14.74 -13.07 -9.22
CA SER B 78 15.90 -13.92 -8.96
C SER B 78 17.10 -13.23 -8.32
N LYS B 79 16.86 -12.64 -7.15
CA LYS B 79 17.91 -11.95 -6.41
C LYS B 79 18.09 -12.61 -5.03
N ARG B 80 19.32 -12.64 -4.53
CA ARG B 80 19.60 -13.24 -3.24
C ARG B 80 19.17 -12.31 -2.10
N ILE B 81 17.87 -12.32 -1.84
CA ILE B 81 17.28 -11.50 -0.80
C ILE B 81 16.24 -12.34 -0.06
N ILE B 82 16.39 -12.47 1.25
CA ILE B 82 15.41 -13.21 2.03
C ILE B 82 14.92 -12.33 3.18
N ALA B 83 13.72 -12.63 3.66
CA ALA B 83 13.15 -11.89 4.77
C ALA B 83 12.55 -12.89 5.73
N VAL B 84 12.76 -12.68 7.03
CA VAL B 84 12.21 -13.58 8.04
C VAL B 84 11.64 -12.78 9.21
N HIS B 85 10.50 -13.23 9.71
CA HIS B 85 9.87 -12.58 10.83
C HIS B 85 9.38 -13.69 11.75
N VAL B 86 10.23 -14.09 12.68
CA VAL B 86 9.88 -15.14 13.61
C VAL B 86 9.42 -14.60 14.94
N PRO B 87 8.13 -14.76 15.25
CA PRO B 87 7.56 -14.28 16.51
C PRO B 87 8.03 -15.16 17.68
N SER B 88 7.42 -14.97 18.85
CA SER B 88 7.77 -15.73 20.05
C SER B 88 9.13 -15.35 20.60
N SER B 97 11.71 -11.77 18.14
CA SER B 97 12.97 -12.48 18.35
C SER B 97 13.93 -12.32 17.15
N LEU B 98 13.42 -12.53 15.94
CA LEU B 98 14.22 -12.37 14.73
C LEU B 98 13.33 -11.77 13.64
N SER B 99 13.63 -10.53 13.24
CA SER B 99 12.86 -9.85 12.21
C SER B 99 13.77 -8.97 11.35
N THR B 100 14.04 -9.41 10.12
CA THR B 100 14.89 -8.64 9.25
C THR B 100 14.95 -9.18 7.83
N VAL B 101 15.55 -8.37 6.95
CA VAL B 101 15.75 -8.73 5.55
C VAL B 101 17.24 -8.97 5.42
N MET B 102 17.64 -9.98 4.67
CA MET B 102 19.05 -10.30 4.50
C MET B 102 19.46 -10.28 3.03
N TYR B 103 20.37 -9.38 2.68
CA TYR B 103 20.84 -9.29 1.30
C TYR B 103 22.15 -10.08 1.21
N ASN B 104 22.23 -10.97 0.23
CA ASN B 104 23.40 -11.81 0.01
C ASN B 104 23.76 -12.65 1.25
N PRO B 105 22.77 -13.33 1.86
CA PRO B 105 23.02 -14.15 3.04
C PRO B 105 23.92 -15.34 2.69
N LYS B 106 24.77 -15.73 3.63
CA LYS B 106 25.68 -16.85 3.42
C LYS B 106 25.94 -17.57 4.74
N ILE B 107 25.73 -18.89 4.73
CA ILE B 107 25.98 -19.68 5.93
C ILE B 107 27.50 -19.89 6.05
N LEU B 108 28.08 -19.42 7.13
CA LEU B 108 29.51 -19.54 7.34
C LEU B 108 29.88 -20.79 8.08
N SER B 109 28.99 -21.23 8.97
CA SER B 109 29.25 -22.42 9.77
C SER B 109 27.95 -23.01 10.27
N HIS B 110 27.98 -24.27 10.65
CA HIS B 110 26.80 -24.95 11.17
C HIS B 110 27.22 -26.01 12.19
N SER B 111 26.29 -26.37 13.07
CA SER B 111 26.55 -27.36 14.11
C SER B 111 26.57 -28.78 13.58
N VAL B 112 27.07 -29.69 14.40
CA VAL B 112 27.12 -31.10 14.07
C VAL B 112 25.70 -31.60 14.30
N GLN B 113 25.14 -31.16 15.42
CA GLN B 113 23.78 -31.51 15.81
C GLN B 113 22.77 -31.13 14.73
N ASP B 114 21.87 -32.04 14.40
CA ASP B 114 20.83 -31.76 13.42
C ASP B 114 19.49 -31.57 14.12
N ALA B 115 18.51 -31.05 13.39
CA ALA B 115 17.18 -30.85 13.95
C ALA B 115 16.17 -30.79 12.81
N CYS B 116 14.89 -30.86 13.15
CA CYS B 116 13.85 -30.78 12.14
C CYS B 116 12.53 -30.37 12.79
N LEU B 117 11.58 -29.94 11.97
CA LEU B 117 10.26 -29.54 12.45
C LEU B 117 9.39 -30.78 12.44
N GLY B 118 8.96 -31.20 13.63
CA GLY B 118 8.11 -32.38 13.71
C GLY B 118 6.89 -32.29 12.82
N GLU B 119 6.21 -31.16 12.88
CA GLU B 119 4.99 -30.94 12.11
C GLU B 119 5.20 -30.66 10.63
N GLY B 120 6.46 -30.64 10.18
CA GLY B 120 6.74 -30.38 8.78
C GLY B 120 6.93 -28.92 8.43
N GLU B 121 7.81 -28.67 7.45
CA GLU B 121 8.09 -27.32 7.02
C GLU B 121 7.01 -26.77 6.09
N GLY B 122 6.78 -25.46 6.14
CA GLY B 122 5.79 -24.86 5.27
C GLY B 122 6.41 -24.14 4.09
N CYS B 123 5.60 -23.80 3.08
CA CYS B 123 6.11 -23.09 1.92
C CYS B 123 4.97 -22.49 1.11
N LEU B 124 4.84 -21.17 1.16
CA LEU B 124 3.79 -20.45 0.44
C LEU B 124 3.71 -20.82 -1.03
N SER B 125 4.82 -21.26 -1.62
CA SER B 125 4.83 -21.62 -3.02
C SER B 125 4.31 -23.04 -3.31
N VAL B 126 4.29 -23.88 -2.28
CA VAL B 126 3.83 -25.24 -2.42
C VAL B 126 2.41 -25.41 -1.93
N ASP B 127 1.54 -25.92 -2.78
CA ASP B 127 0.13 -26.11 -2.43
C ASP B 127 -0.23 -27.55 -2.10
N ARG B 128 0.71 -28.46 -2.33
CA ARG B 128 0.48 -29.87 -2.02
C ARG B 128 1.05 -30.12 -0.62
N GLU B 129 0.61 -31.19 0.02
CA GLU B 129 1.11 -31.54 1.33
C GLU B 129 2.17 -32.61 1.07
N VAL B 130 3.36 -32.43 1.64
CA VAL B 130 4.43 -33.39 1.44
C VAL B 130 4.83 -33.98 2.79
N PRO B 131 4.47 -35.25 3.04
CA PRO B 131 4.82 -35.87 4.33
C PRO B 131 6.31 -36.14 4.46
N GLY B 132 6.78 -36.16 5.70
CA GLY B 132 8.19 -36.42 5.95
C GLY B 132 8.84 -35.40 6.86
N TYR B 133 10.13 -35.61 7.11
CA TYR B 133 10.93 -34.72 7.95
C TYR B 133 12.02 -34.14 7.06
N VAL B 134 12.46 -32.93 7.36
CA VAL B 134 13.53 -32.28 6.61
C VAL B 134 14.65 -32.04 7.61
N VAL B 135 15.68 -32.88 7.56
CA VAL B 135 16.79 -32.74 8.49
C VAL B 135 17.65 -31.52 8.16
N ARG B 136 17.87 -30.70 9.17
CA ARG B 136 18.65 -29.47 9.04
C ARG B 136 19.71 -29.40 10.12
N HIS B 137 20.56 -28.38 10.03
CA HIS B 137 21.59 -28.18 11.03
C HIS B 137 20.89 -27.49 12.19
N ALA B 138 21.19 -27.94 13.41
CA ALA B 138 20.58 -27.37 14.60
C ALA B 138 20.93 -25.89 14.72
N LYS B 139 22.21 -25.59 14.50
CA LYS B 139 22.64 -24.21 14.59
C LYS B 139 23.44 -23.85 13.35
N ILE B 140 23.45 -22.56 13.04
CA ILE B 140 24.18 -22.03 11.89
C ILE B 140 24.64 -20.61 12.19
N THR B 141 25.68 -20.19 11.47
CA THR B 141 26.21 -18.84 11.61
C THR B 141 26.00 -18.22 10.22
N VAL B 142 25.31 -17.08 10.18
CA VAL B 142 25.05 -16.44 8.91
C VAL B 142 25.52 -15.00 8.86
N SER B 143 26.07 -14.59 7.71
CA SER B 143 26.51 -13.22 7.53
C SER B 143 25.62 -12.70 6.41
N TYR B 144 25.40 -11.39 6.37
CA TYR B 144 24.54 -10.80 5.36
C TYR B 144 24.56 -9.29 5.53
N TYR B 145 23.91 -8.59 4.61
CA TYR B 145 23.83 -7.14 4.70
C TYR B 145 22.38 -6.74 4.91
N ASP B 146 22.17 -5.68 5.68
CA ASP B 146 20.82 -5.20 5.91
C ASP B 146 20.55 -4.06 4.90
N MET B 147 19.36 -3.48 4.96
CA MET B 147 18.99 -2.39 4.04
C MET B 147 19.95 -1.20 4.12
N ASN B 148 20.60 -1.05 5.26
CA ASN B 148 21.56 0.03 5.45
C ASN B 148 22.87 -0.27 4.74
N GLY B 149 23.02 -1.50 4.28
CA GLY B 149 24.28 -1.95 3.73
C GLY B 149 25.23 -2.39 4.82
N GLU B 150 24.75 -2.41 6.05
CA GLU B 150 25.57 -2.83 7.18
C GLU B 150 25.71 -4.36 7.21
N LYS B 151 26.95 -4.84 7.29
CA LYS B 151 27.18 -6.27 7.34
C LYS B 151 27.00 -6.83 8.75
N HIS B 152 26.31 -7.97 8.84
CA HIS B 152 26.03 -8.61 10.12
C HIS B 152 26.44 -10.07 10.14
N LYS B 153 26.67 -10.58 11.35
CA LYS B 153 27.05 -11.96 11.56
C LYS B 153 26.29 -12.45 12.79
N ILE B 154 25.42 -13.43 12.62
CA ILE B 154 24.65 -13.92 13.76
C ILE B 154 24.52 -15.42 13.83
N ARG B 155 24.41 -15.92 15.05
CA ARG B 155 24.26 -17.35 15.27
C ARG B 155 22.80 -17.64 15.55
N LEU B 156 22.20 -18.46 14.70
CA LEU B 156 20.79 -18.83 14.84
C LEU B 156 20.72 -20.29 15.23
N LYS B 157 19.70 -20.63 15.99
CA LYS B 157 19.53 -22.00 16.43
C LYS B 157 18.06 -22.37 16.37
N ASN B 158 17.79 -23.66 16.43
CA ASN B 158 16.42 -24.16 16.43
C ASN B 158 15.55 -23.64 15.30
N TYR B 159 14.32 -23.25 15.62
CA TYR B 159 13.39 -22.78 14.60
C TYR B 159 14.00 -21.76 13.66
N GLU B 160 14.54 -20.68 14.22
CA GLU B 160 15.15 -19.64 13.41
C GLU B 160 16.21 -20.22 12.49
N SER B 161 16.99 -21.16 13.01
CA SER B 161 18.02 -21.80 12.20
C SER B 161 17.39 -22.48 11.00
N ILE B 162 16.29 -23.19 11.25
CA ILE B 162 15.59 -23.92 10.20
C ILE B 162 14.94 -23.00 9.18
N VAL B 163 14.32 -21.93 9.63
CA VAL B 163 13.67 -21.00 8.71
C VAL B 163 14.68 -20.37 7.76
N VAL B 164 15.84 -19.99 8.28
CA VAL B 164 16.84 -19.36 7.42
C VAL B 164 17.38 -20.34 6.40
N GLN B 165 17.67 -21.57 6.83
CA GLN B 165 18.19 -22.58 5.90
C GLN B 165 17.15 -22.81 4.80
N HIS B 166 15.89 -22.76 5.19
CA HIS B 166 14.79 -22.95 4.25
C HIS B 166 14.83 -21.86 3.18
N GLU B 167 14.94 -20.60 3.61
CA GLU B 167 14.99 -19.47 2.71
C GLU B 167 16.25 -19.42 1.85
N ILE B 168 17.39 -19.78 2.44
CA ILE B 168 18.62 -19.77 1.68
C ILE B 168 18.56 -20.86 0.61
N ASP B 169 17.84 -21.93 0.89
CA ASP B 169 17.71 -23.00 -0.10
C ASP B 169 16.99 -22.40 -1.31
N HIS B 170 16.06 -21.47 -1.06
CA HIS B 170 15.33 -20.83 -2.14
C HIS B 170 16.18 -20.04 -3.12
N ILE B 171 17.19 -19.33 -2.62
CA ILE B 171 18.02 -18.55 -3.51
C ILE B 171 19.07 -19.42 -4.20
N ASN B 172 18.97 -20.72 -3.97
CA ASN B 172 19.88 -21.66 -4.57
C ASN B 172 19.09 -22.67 -5.39
N GLY B 173 17.81 -22.37 -5.56
CA GLY B 173 16.92 -23.23 -6.34
C GLY B 173 16.54 -24.55 -5.70
N VAL B 174 16.67 -24.62 -4.39
CA VAL B 174 16.36 -25.83 -3.63
C VAL B 174 15.04 -25.69 -2.88
N MET B 175 14.17 -26.67 -3.07
CA MET B 175 12.86 -26.70 -2.41
C MET B 175 12.93 -27.68 -1.23
N PHE B 176 12.23 -27.36 -0.15
CA PHE B 176 12.27 -28.20 1.04
C PHE B 176 12.06 -29.70 0.78
N TYR B 177 11.06 -30.06 -0.02
CA TYR B 177 10.81 -31.48 -0.28
C TYR B 177 11.96 -32.20 -0.99
N ASP B 178 12.95 -31.44 -1.46
CA ASP B 178 14.09 -32.07 -2.12
C ASP B 178 14.85 -32.86 -1.05
N HIS B 179 14.77 -32.40 0.19
CA HIS B 179 15.47 -33.04 1.31
C HIS B 179 14.72 -34.24 1.87
N ILE B 180 13.55 -34.52 1.31
CA ILE B 180 12.75 -35.64 1.79
C ILE B 180 12.80 -36.82 0.86
N ASN B 181 13.16 -37.98 1.41
CA ASN B 181 13.21 -39.22 0.66
C ASN B 181 11.77 -39.74 0.68
N ASP B 182 11.02 -39.45 -0.38
CA ASP B 182 9.63 -39.85 -0.46
C ASP B 182 9.35 -41.33 -0.17
N GLN B 183 10.39 -42.15 -0.18
CA GLN B 183 10.26 -43.56 0.13
C GLN B 183 10.78 -43.87 1.53
N ASN B 184 11.40 -42.88 2.16
CA ASN B 184 11.57 -42.89 3.60
C ASN B 184 11.36 -41.50 4.21
N PRO B 185 10.11 -41.08 4.28
CA PRO B 185 9.78 -39.68 4.60
C PRO B 185 10.21 -39.31 6.01
N PHE B 186 10.18 -40.27 6.92
CA PHE B 186 10.44 -40.00 8.32
C PHE B 186 11.70 -40.59 8.92
N ALA B 187 12.67 -40.88 8.07
CA ALA B 187 13.92 -41.44 8.56
C ALA B 187 14.70 -40.37 9.32
N LEU B 188 15.23 -40.74 10.48
CA LEU B 188 16.03 -39.83 11.30
C LEU B 188 17.13 -40.62 11.96
N LYS B 189 18.33 -40.06 12.03
CA LYS B 189 19.43 -40.74 12.68
C LYS B 189 19.30 -40.45 14.16
N GLU B 190 20.07 -41.15 14.99
CA GLU B 190 19.98 -40.93 16.43
C GLU B 190 20.21 -39.47 16.78
N GLY B 191 19.58 -39.02 17.86
CA GLY B 191 19.76 -37.66 18.33
C GLY B 191 19.09 -36.46 17.68
N VAL B 192 18.95 -36.46 16.36
CA VAL B 192 18.32 -35.32 15.70
C VAL B 192 17.22 -34.74 16.55
N LEU B 193 17.29 -33.45 16.87
CA LEU B 193 16.31 -32.83 17.75
C LEU B 193 15.06 -32.39 16.95
N VAL B 194 13.90 -32.92 17.33
CA VAL B 194 12.69 -32.62 16.61
C VAL B 194 11.93 -31.52 17.35
N ILE B 195 11.83 -30.38 16.68
CA ILE B 195 11.18 -29.17 17.17
C ILE B 195 9.70 -29.13 16.79
N GLU B 196 8.85 -28.83 17.76
CA GLU B 196 7.41 -28.74 17.53
C GLU B 196 6.70 -28.30 18.79
#